data_3KP6
#
_entry.id   3KP6
#
_cell.length_a   105.381
_cell.length_b   105.381
_cell.length_c   51.963
_cell.angle_alpha   90.00
_cell.angle_beta   90.00
_cell.angle_gamma   120.00
#
_symmetry.space_group_name_H-M   'P 61'
#
loop_
_entity.id
_entity.type
_entity.pdbx_description
1 polymer 'Transcriptional regulator TcaR'
2 non-polymer '2-HYDROXYBENZOIC ACID'
3 non-polymer 'CACODYLATE ION'
4 water water
#
_entity_poly.entity_id   1
_entity_poly.type   'polypeptide(L)'
_entity_poly.pdbx_seq_one_letter_code
;MVRRIEDHISFLEKFINDVNTLTAKLLKDLQTEYGISAEQSHVLNMLSIEALTVGQITEKQGVNKAAVSRRVKKLLNAEL
VKLEKPDSNTDQRLKIIKLSNKGKKYIKERKAIMSHIASDMTSDFDSKEIEKVRQVLEIIDYRIQSYTSKL
;
_entity_poly.pdbx_strand_id   A,B
#
loop_
_chem_comp.id
_chem_comp.type
_chem_comp.name
_chem_comp.formula
CAC non-polymer 'CACODYLATE ION' 'C2 H6 As O2 -1'
SAL non-polymer '2-HYDROXYBENZOIC ACID' 'C7 H6 O3'
#
# COMPACT_ATOMS: atom_id res chain seq x y z
N VAL A 2 -27.21 5.35 1.71
CA VAL A 2 -27.19 3.96 2.24
C VAL A 2 -25.78 3.34 2.23
N ARG A 3 -25.04 3.52 1.14
CA ARG A 3 -23.69 2.94 1.04
C ARG A 3 -22.45 3.87 1.06
N ARG A 4 -22.21 4.55 2.18
CA ARG A 4 -21.04 5.44 2.31
C ARG A 4 -19.78 4.62 2.63
N ILE A 5 -19.93 3.29 2.73
CA ILE A 5 -18.78 2.47 3.03
C ILE A 5 -17.73 2.68 1.95
N GLU A 6 -18.19 2.90 0.73
CA GLU A 6 -17.28 3.11 -0.40
C GLU A 6 -16.34 4.29 -0.15
N ASP A 7 -16.84 5.29 0.56
CA ASP A 7 -16.06 6.47 0.90
C ASP A 7 -14.98 6.13 1.92
N HIS A 8 -15.30 5.27 2.89
CA HIS A 8 -14.34 4.87 3.90
C HIS A 8 -13.24 4.03 3.25
N ILE A 9 -13.64 3.05 2.45
CA ILE A 9 -12.68 2.23 1.73
C ILE A 9 -11.72 3.14 0.93
N SER A 10 -12.31 4.10 0.23
CA SER A 10 -11.54 5.03 -0.61
C SER A 10 -10.52 5.76 0.20
N PHE A 11 -10.94 6.26 1.36
CA PHE A 11 -10.06 7.00 2.24
C PHE A 11 -8.93 6.09 2.66
N LEU A 12 -9.28 4.93 3.21
CA LEU A 12 -8.29 3.95 3.62
C LEU A 12 -7.27 3.71 2.50
N GLU A 13 -7.74 3.58 1.25
CA GLU A 13 -6.86 3.32 0.11
C GLU A 13 -5.97 4.49 -0.24
N LYS A 14 -6.50 5.69 -0.05
CA LYS A 14 -5.78 6.92 -0.32
C LYS A 14 -4.69 7.07 0.75
N PHE A 15 -5.01 6.68 1.97
CA PHE A 15 -4.12 6.73 3.11
C PHE A 15 -2.95 5.77 2.92
N ILE A 16 -3.27 4.52 2.58
CA ILE A 16 -2.28 3.51 2.35
C ILE A 16 -1.38 3.99 1.21
N ASN A 17 -2.00 4.53 0.18
CA ASN A 17 -1.26 5.03 -0.96
C ASN A 17 -0.29 6.13 -0.54
N ASP A 18 -0.73 7.05 0.30
CA ASP A 18 0.14 8.15 0.73
C ASP A 18 1.30 7.67 1.61
N VAL A 19 1.04 6.67 2.44
CA VAL A 19 2.06 6.11 3.32
C VAL A 19 3.17 5.48 2.48
N ASN A 20 2.77 4.82 1.39
CA ASN A 20 3.73 4.17 0.51
C ASN A 20 4.54 5.20 -0.21
N THR A 21 3.87 6.22 -0.72
CA THR A 21 4.54 7.29 -1.46
C THR A 21 5.59 7.94 -0.56
N LEU A 22 5.21 8.33 0.66
CA LEU A 22 6.15 8.96 1.57
C LEU A 22 7.27 8.02 2.00
N THR A 23 6.96 6.75 2.17
CA THR A 23 7.98 5.81 2.58
C THR A 23 9.07 5.68 1.50
N ALA A 24 8.66 5.54 0.25
CA ALA A 24 9.57 5.41 -0.88
C ALA A 24 10.51 6.60 -1.02
N LYS A 25 9.99 7.80 -0.80
CA LYS A 25 10.76 9.02 -0.88
C LYS A 25 11.77 9.15 0.25
N LEU A 26 11.33 8.80 1.46
CA LEU A 26 12.18 8.91 2.63
C LEU A 26 13.26 7.87 2.63
N LEU A 27 13.01 6.75 1.98
CA LEU A 27 13.98 5.70 1.98
C LEU A 27 14.84 5.52 0.72
N LYS A 28 14.60 6.34 -0.31
CA LYS A 28 15.34 6.23 -1.57
C LYS A 28 16.86 6.38 -1.44
N ASP A 29 17.30 7.41 -0.73
CA ASP A 29 18.73 7.61 -0.57
C ASP A 29 19.42 6.48 0.19
N LEU A 30 18.77 5.97 1.21
CA LEU A 30 19.34 4.88 2.00
C LEU A 30 19.41 3.57 1.21
N GLN A 31 18.37 3.29 0.42
CA GLN A 31 18.32 2.07 -0.37
C GLN A 31 19.43 2.07 -1.39
N THR A 32 19.73 3.27 -1.90
CA THR A 32 20.77 3.48 -2.88
C THR A 32 22.14 3.25 -2.21
N GLU A 33 22.36 3.85 -1.05
CA GLU A 33 23.62 3.63 -0.34
C GLU A 33 23.86 2.13 -0.09
N TYR A 34 22.79 1.35 0.00
CA TYR A 34 22.96 -0.08 0.22
C TYR A 34 22.86 -0.83 -1.10
N GLY A 35 22.77 -0.08 -2.20
CA GLY A 35 22.67 -0.70 -3.51
C GLY A 35 21.49 -1.63 -3.70
N ILE A 36 20.33 -1.24 -3.18
CA ILE A 36 19.12 -2.04 -3.31
C ILE A 36 17.93 -1.19 -3.72
N SER A 37 16.92 -1.82 -4.28
CA SER A 37 15.71 -1.15 -4.71
C SER A 37 14.64 -1.25 -3.64
N ALA A 38 13.57 -0.49 -3.84
CA ALA A 38 12.45 -0.46 -2.91
C ALA A 38 11.72 -1.80 -2.81
N GLU A 39 11.62 -2.53 -3.91
CA GLU A 39 10.95 -3.83 -3.92
C GLU A 39 11.78 -4.84 -3.12
N GLN A 40 13.10 -4.68 -3.18
CA GLN A 40 14.03 -5.53 -2.44
C GLN A 40 13.97 -5.09 -1.00
N SER A 41 13.74 -3.79 -0.80
CA SER A 41 13.65 -3.27 0.55
C SER A 41 12.43 -3.83 1.26
N HIS A 42 11.30 -3.91 0.54
CA HIS A 42 10.02 -4.46 1.03
C HIS A 42 10.26 -5.85 1.60
N VAL A 43 10.85 -6.70 0.76
CA VAL A 43 11.18 -8.08 1.09
C VAL A 43 12.06 -8.21 2.34
N LEU A 44 13.06 -7.35 2.48
CA LEU A 44 13.91 -7.39 3.65
C LEU A 44 13.07 -6.96 4.85
N ASN A 45 12.08 -6.08 4.62
CA ASN A 45 11.23 -5.64 5.72
C ASN A 45 10.46 -6.85 6.25
N MET A 46 10.19 -7.82 5.39
CA MET A 46 9.47 -9.03 5.78
C MET A 46 10.29 -9.95 6.67
N LEU A 47 11.54 -10.19 6.28
CA LEU A 47 12.42 -11.09 7.01
C LEU A 47 12.88 -10.57 8.38
N SER A 48 12.66 -9.29 8.65
CA SER A 48 13.07 -8.69 9.92
C SER A 48 12.01 -9.06 10.95
N ILE A 49 10.92 -9.63 10.45
CA ILE A 49 9.81 -10.06 11.28
C ILE A 49 10.14 -11.44 11.82
N GLU A 50 10.21 -12.39 10.90
CA GLU A 50 10.51 -13.77 11.25
C GLU A 50 11.16 -14.48 10.05
N ALA A 51 12.23 -15.23 10.26
CA ALA A 51 12.89 -15.98 9.15
C ALA A 51 11.84 -16.93 8.34
N LEU A 52 11.84 -16.97 6.98
CA LEU A 52 10.98 -17.61 6.11
C LEU A 52 11.65 -18.38 4.83
N THR A 53 10.77 -18.90 3.90
CA THR A 53 11.21 -19.61 2.61
C THR A 53 10.48 -19.06 1.32
N VAL A 54 10.90 -19.38 0.08
CA VAL A 54 10.13 -18.86 -1.17
C VAL A 54 8.63 -19.18 -1.29
N GLY A 55 8.22 -20.18 -0.50
CA GLY A 55 6.83 -20.57 -0.47
C GLY A 55 6.00 -19.52 0.24
N GLN A 56 6.31 -19.28 1.52
CA GLN A 56 5.59 -18.30 2.32
C GLN A 56 5.60 -16.93 1.63
N ILE A 57 6.79 -16.54 1.20
CA ILE A 57 7.03 -15.26 0.55
C ILE A 57 6.13 -14.97 -0.64
N THR A 58 5.98 -15.94 -1.54
CA THR A 58 5.16 -15.76 -2.73
C THR A 58 3.69 -15.53 -2.39
N GLU A 59 3.21 -16.24 -1.37
CA GLU A 59 1.81 -16.13 -0.93
C GLU A 59 1.50 -14.73 -0.39
N LYS A 60 2.01 -14.45 0.80
CA LYS A 60 1.82 -13.17 1.48
C LYS A 60 2.02 -12.04 0.48
N GLN A 61 3.13 -12.11 -0.25
CA GLN A 61 3.46 -11.13 -1.26
C GLN A 61 2.22 -10.97 -2.13
N GLY A 62 1.81 -12.08 -2.73
CA GLY A 62 0.65 -12.08 -3.57
C GLY A 62 1.03 -12.59 -4.91
N VAL A 63 0.47 -11.97 -5.95
CA VAL A 63 0.76 -12.43 -7.33
C VAL A 63 2.21 -12.21 -7.74
N ASN A 64 2.97 -13.26 -7.71
CA ASN A 64 4.38 -13.27 -8.03
C ASN A 64 4.70 -14.65 -8.50
N LYS A 65 4.89 -14.75 -9.81
CA LYS A 65 5.18 -16.02 -10.44
C LYS A 65 6.28 -16.00 -11.50
N ALA A 66 7.27 -15.13 -11.36
CA ALA A 66 8.37 -15.09 -12.33
C ALA A 66 9.67 -14.53 -11.76
N ALA A 67 9.67 -13.24 -11.40
CA ALA A 67 10.87 -12.59 -10.85
C ALA A 67 10.76 -12.20 -9.37
N VAL A 68 10.25 -13.11 -8.55
CA VAL A 68 10.12 -12.87 -7.12
C VAL A 68 11.20 -13.73 -6.48
N SER A 69 11.51 -14.84 -7.16
CA SER A 69 12.52 -15.75 -6.69
C SER A 69 13.87 -15.18 -7.15
N ARG A 70 13.83 -14.37 -8.22
CA ARG A 70 15.02 -13.73 -8.79
C ARG A 70 15.45 -12.51 -7.94
N ARG A 71 14.55 -12.01 -7.10
CA ARG A 71 14.87 -10.88 -6.23
C ARG A 71 15.44 -11.43 -4.92
N VAL A 72 15.23 -12.73 -4.71
CA VAL A 72 15.76 -13.41 -3.53
C VAL A 72 17.23 -13.58 -3.85
N LYS A 73 17.48 -14.05 -5.07
CA LYS A 73 18.83 -14.29 -5.55
C LYS A 73 19.73 -13.05 -5.42
N LYS A 74 19.28 -11.92 -5.97
CA LYS A 74 20.03 -10.67 -5.92
C LYS A 74 20.27 -10.13 -4.51
N LEU A 75 19.69 -10.77 -3.51
CA LEU A 75 19.88 -10.35 -2.13
C LEU A 75 21.11 -11.05 -1.58
N LEU A 76 21.26 -12.31 -1.95
CA LEU A 76 22.42 -13.10 -1.53
C LEU A 76 23.69 -12.49 -2.13
N ASN A 77 23.61 -12.11 -3.40
CA ASN A 77 24.74 -11.51 -4.10
C ASN A 77 25.15 -10.19 -3.49
N ALA A 78 24.18 -9.50 -2.87
CA ALA A 78 24.44 -8.22 -2.24
C ALA A 78 24.68 -8.43 -0.73
N GLU A 79 24.72 -9.70 -0.35
CA GLU A 79 24.97 -10.10 1.04
C GLU A 79 23.99 -9.53 2.06
N LEU A 80 22.70 -9.70 1.80
CA LEU A 80 21.65 -9.19 2.70
C LEU A 80 20.78 -10.29 3.29
N VAL A 81 20.94 -11.50 2.78
CA VAL A 81 20.17 -12.63 3.28
C VAL A 81 21.12 -13.78 3.59
N LYS A 82 21.12 -14.25 4.85
CA LYS A 82 21.94 -15.38 5.25
C LYS A 82 20.95 -16.53 5.48
N LEU A 83 21.26 -17.71 4.95
CA LEU A 83 20.39 -18.88 5.05
C LEU A 83 20.39 -19.62 6.40
N LYS A 95 15.36 -25.64 5.47
CA LYS A 95 16.25 -24.44 5.42
C LYS A 95 15.55 -23.16 5.90
N ILE A 96 16.35 -22.15 6.23
CA ILE A 96 15.86 -20.88 6.77
C ILE A 96 16.36 -19.67 5.97
N ILE A 97 15.85 -18.48 6.30
CA ILE A 97 16.30 -17.23 5.67
C ILE A 97 16.30 -16.09 6.69
N LYS A 98 17.48 -15.55 6.96
CA LYS A 98 17.66 -14.47 7.93
C LYS A 98 18.38 -13.30 7.30
N LEU A 99 18.37 -12.16 8.00
CA LEU A 99 19.05 -10.96 7.52
C LEU A 99 20.52 -11.12 7.93
N SER A 100 21.42 -10.52 7.16
CA SER A 100 22.84 -10.61 7.47
C SER A 100 23.17 -9.35 8.28
N ASN A 101 24.42 -9.24 8.75
CA ASN A 101 24.82 -8.05 9.49
C ASN A 101 24.44 -6.84 8.67
N LYS A 102 24.70 -6.98 7.37
CA LYS A 102 24.44 -5.96 6.37
C LYS A 102 22.92 -5.77 6.26
N GLY A 103 22.21 -6.90 6.28
CA GLY A 103 20.76 -6.90 6.18
C GLY A 103 20.06 -6.33 7.40
N LYS A 104 20.56 -6.68 8.59
CA LYS A 104 19.99 -6.19 9.84
C LYS A 104 20.37 -4.71 10.00
N LYS A 105 21.55 -4.35 9.54
CA LYS A 105 22.01 -2.97 9.67
C LYS A 105 21.08 -2.05 8.87
N TYR A 106 20.79 -2.46 7.64
CA TYR A 106 19.92 -1.69 6.78
C TYR A 106 18.55 -1.48 7.45
N ILE A 107 17.94 -2.58 7.88
CA ILE A 107 16.64 -2.56 8.52
C ILE A 107 16.61 -1.68 9.76
N LYS A 108 17.72 -1.63 10.50
CA LYS A 108 17.81 -0.80 11.70
C LYS A 108 17.75 0.65 11.28
N GLU A 109 18.52 1.02 10.28
CA GLU A 109 18.53 2.38 9.79
C GLU A 109 17.17 2.71 9.23
N ARG A 110 16.57 1.76 8.54
CA ARG A 110 15.27 1.95 7.95
C ARG A 110 14.24 2.26 9.04
N LYS A 111 14.29 1.49 10.13
CA LYS A 111 13.41 1.68 11.29
C LYS A 111 13.64 3.03 11.94
N ALA A 112 14.89 3.44 12.06
CA ALA A 112 15.18 4.72 12.66
C ALA A 112 14.43 5.84 11.93
N ILE A 113 14.72 5.97 10.65
CA ILE A 113 14.08 6.98 9.81
C ILE A 113 12.55 6.94 9.94
N MET A 114 11.94 5.78 9.74
CA MET A 114 10.49 5.66 9.81
C MET A 114 9.92 6.10 11.15
N SER A 115 10.56 5.67 12.23
CA SER A 115 10.12 6.01 13.57
C SER A 115 10.26 7.50 13.90
N HIS A 116 11.39 8.09 13.50
CA HIS A 116 11.58 9.51 13.76
C HIS A 116 10.38 10.31 13.24
N ILE A 117 10.02 10.02 11.99
CA ILE A 117 8.92 10.67 11.31
C ILE A 117 7.55 10.25 11.85
N ALA A 118 7.38 8.98 12.17
CA ALA A 118 6.13 8.49 12.71
C ALA A 118 5.91 9.15 14.07
N SER A 119 7.00 9.48 14.76
CA SER A 119 6.92 10.12 16.06
C SER A 119 6.52 11.57 15.90
N ASP A 120 7.17 12.27 14.98
CA ASP A 120 6.89 13.68 14.75
C ASP A 120 5.46 13.92 14.36
N MET A 121 4.95 13.10 13.45
CA MET A 121 3.58 13.22 12.98
C MET A 121 2.57 12.74 13.99
N THR A 122 3.05 12.30 15.14
CA THR A 122 2.13 11.71 16.09
C THR A 122 2.22 12.08 17.56
N SER A 123 3.32 12.71 17.96
CA SER A 123 3.52 13.09 19.35
C SER A 123 2.46 13.96 20.05
N ASP A 124 1.65 14.68 19.29
CA ASP A 124 0.66 15.56 19.90
C ASP A 124 -0.66 14.87 20.16
N PHE A 125 -0.83 13.66 19.63
CA PHE A 125 -2.08 12.93 19.88
C PHE A 125 -2.04 12.33 21.28
N ASP A 126 -3.18 12.03 21.85
CA ASP A 126 -3.15 11.45 23.16
C ASP A 126 -3.05 9.96 23.00
N SER A 127 -2.33 9.33 23.92
CA SER A 127 -2.13 7.89 23.89
C SER A 127 -3.47 7.21 23.74
N LYS A 128 -4.50 7.73 24.39
CA LYS A 128 -5.80 7.09 24.27
C LYS A 128 -6.29 7.17 22.84
N GLU A 129 -6.09 8.30 22.16
CA GLU A 129 -6.52 8.45 20.77
C GLU A 129 -5.81 7.46 19.85
N ILE A 130 -4.50 7.32 20.02
CA ILE A 130 -3.71 6.45 19.18
C ILE A 130 -4.00 4.97 19.43
N GLU A 131 -4.13 4.57 20.69
CA GLU A 131 -4.41 3.20 21.02
C GLU A 131 -5.74 2.73 20.42
N LYS A 132 -6.72 3.61 20.37
CA LYS A 132 -8.01 3.26 19.77
C LYS A 132 -7.87 3.07 18.25
N VAL A 133 -7.00 3.86 17.60
CA VAL A 133 -6.77 3.74 16.17
C VAL A 133 -6.11 2.39 15.90
N ARG A 134 -5.13 2.06 16.74
CA ARG A 134 -4.39 0.81 16.66
C ARG A 134 -5.34 -0.37 16.83
N GLN A 135 -6.28 -0.23 17.76
CA GLN A 135 -7.24 -1.27 18.01
C GLN A 135 -8.13 -1.55 16.82
N VAL A 136 -8.57 -0.49 16.14
CA VAL A 136 -9.41 -0.66 14.98
C VAL A 136 -8.66 -1.30 13.80
N LEU A 137 -7.42 -0.88 13.62
CA LEU A 137 -6.59 -1.39 12.55
C LEU A 137 -6.29 -2.87 12.80
N GLU A 138 -5.93 -3.18 14.04
CA GLU A 138 -5.62 -4.54 14.42
C GLU A 138 -6.77 -5.49 14.13
N ILE A 139 -7.99 -5.14 14.51
CA ILE A 139 -9.13 -6.00 14.25
C ILE A 139 -9.48 -6.12 12.77
N ILE A 140 -9.18 -5.09 11.98
CA ILE A 140 -9.41 -5.12 10.54
C ILE A 140 -8.35 -6.07 9.98
N ASP A 141 -7.14 -5.99 10.51
CA ASP A 141 -6.07 -6.86 10.07
C ASP A 141 -6.32 -8.33 10.45
N TYR A 142 -6.89 -8.54 11.63
CA TYR A 142 -7.23 -9.87 12.13
C TYR A 142 -8.29 -10.50 11.21
N ARG A 143 -9.32 -9.73 10.88
CA ARG A 143 -10.37 -10.21 10.03
C ARG A 143 -9.94 -10.38 8.58
N ILE A 144 -8.95 -9.61 8.14
CA ILE A 144 -8.45 -9.72 6.77
C ILE A 144 -7.80 -11.10 6.71
N GLN A 145 -6.98 -11.39 7.71
CA GLN A 145 -6.32 -12.69 7.77
C GLN A 145 -7.34 -13.79 7.92
N SER A 146 -8.26 -13.64 8.86
CA SER A 146 -9.32 -14.63 9.06
C SER A 146 -10.20 -14.69 7.82
N TYR A 147 -9.69 -14.15 6.72
CA TYR A 147 -10.44 -14.07 5.49
C TYR A 147 -9.61 -14.55 4.32
N THR A 148 -8.40 -14.01 4.24
CA THR A 148 -7.47 -14.31 3.18
C THR A 148 -6.80 -15.66 3.43
N SER A 149 -7.54 -16.58 4.06
CA SER A 149 -7.04 -17.91 4.35
C SER A 149 -8.14 -18.87 3.88
N LYS A 150 -9.36 -18.33 3.77
CA LYS A 150 -10.50 -19.10 3.30
C LYS A 150 -10.68 -18.77 1.82
N LEU A 151 -10.35 -19.74 0.96
CA LEU A 151 -10.41 -19.62 -0.50
C LEU A 151 -9.33 -18.60 -0.87
N ILE B 5 6.94 2.35 19.55
CA ILE B 5 7.31 3.35 18.53
C ILE B 5 7.64 2.68 17.21
N GLU B 6 8.57 1.74 17.26
CA GLU B 6 9.04 1.00 16.08
C GLU B 6 8.03 -0.08 15.76
N ASP B 7 7.40 -0.62 16.79
CA ASP B 7 6.41 -1.68 16.60
C ASP B 7 5.10 -1.18 15.98
N HIS B 8 4.86 0.13 16.09
CA HIS B 8 3.66 0.75 15.55
C HIS B 8 3.83 0.83 14.05
N ILE B 9 4.99 1.31 13.64
CA ILE B 9 5.31 1.45 12.25
C ILE B 9 5.33 0.04 11.63
N SER B 10 5.94 -0.89 12.35
CA SER B 10 6.03 -2.26 11.89
C SER B 10 4.63 -2.83 11.71
N PHE B 11 3.73 -2.48 12.62
CA PHE B 11 2.38 -2.97 12.56
C PHE B 11 1.68 -2.41 11.35
N LEU B 12 1.83 -1.10 11.15
CA LEU B 12 1.19 -0.41 10.04
C LEU B 12 1.65 -0.99 8.72
N GLU B 13 2.90 -1.41 8.64
CA GLU B 13 3.40 -1.99 7.42
C GLU B 13 2.85 -3.38 7.15
N LYS B 14 2.66 -4.18 8.22
CA LYS B 14 2.09 -5.51 8.04
C LYS B 14 0.63 -5.29 7.62
N PHE B 15 0.01 -4.27 8.20
CA PHE B 15 -1.38 -3.93 7.90
C PHE B 15 -1.51 -3.51 6.43
N ILE B 16 -0.58 -2.71 5.96
CA ILE B 16 -0.62 -2.24 4.59
C ILE B 16 -0.46 -3.38 3.61
N ASN B 17 0.51 -4.26 3.87
CA ASN B 17 0.77 -5.38 3.00
C ASN B 17 -0.41 -6.35 3.01
N ASP B 18 -1.05 -6.56 4.15
CA ASP B 18 -2.23 -7.45 4.21
C ASP B 18 -3.44 -6.88 3.46
N VAL B 19 -3.61 -5.57 3.49
CA VAL B 19 -4.73 -4.95 2.79
C VAL B 19 -4.48 -5.07 1.28
N ASN B 20 -3.27 -4.69 0.86
CA ASN B 20 -2.86 -4.77 -0.54
C ASN B 20 -2.94 -6.20 -1.03
N THR B 21 -2.49 -7.15 -0.21
CA THR B 21 -2.52 -8.53 -0.62
C THR B 21 -3.94 -9.09 -0.80
N LEU B 22 -4.86 -8.70 0.06
CA LEU B 22 -6.22 -9.18 -0.06
C LEU B 22 -6.88 -8.51 -1.27
N THR B 23 -6.60 -7.23 -1.44
CA THR B 23 -7.15 -6.47 -2.55
C THR B 23 -6.69 -7.05 -3.87
N ALA B 24 -5.40 -7.31 -4.00
CA ALA B 24 -4.87 -7.85 -5.23
C ALA B 24 -5.61 -9.12 -5.56
N LYS B 25 -5.80 -9.97 -4.54
CA LYS B 25 -6.50 -11.22 -4.70
C LYS B 25 -7.96 -11.01 -5.06
N LEU B 26 -8.68 -10.22 -4.28
CA LEU B 26 -10.07 -9.98 -4.59
C LEU B 26 -10.31 -9.38 -5.95
N LEU B 27 -9.33 -8.64 -6.47
CA LEU B 27 -9.53 -8.00 -7.78
C LEU B 27 -8.86 -8.60 -9.01
N LYS B 28 -8.08 -9.66 -8.84
CA LYS B 28 -7.36 -10.26 -9.97
C LYS B 28 -8.22 -10.66 -11.18
N ASP B 29 -9.34 -11.34 -10.93
CA ASP B 29 -10.23 -11.74 -12.03
C ASP B 29 -10.68 -10.51 -12.81
N LEU B 30 -11.26 -9.55 -12.10
CA LEU B 30 -11.76 -8.33 -12.70
C LEU B 30 -10.70 -7.67 -13.56
N GLN B 31 -9.49 -7.55 -13.03
CA GLN B 31 -8.40 -6.93 -13.76
C GLN B 31 -8.03 -7.67 -15.02
N THR B 32 -7.95 -8.98 -14.93
CA THR B 32 -7.59 -9.76 -16.12
C THR B 32 -8.72 -9.70 -17.15
N GLU B 33 -9.96 -9.76 -16.69
CA GLU B 33 -11.09 -9.68 -17.61
C GLU B 33 -10.98 -8.40 -18.43
N TYR B 34 -10.35 -7.36 -17.87
CA TYR B 34 -10.18 -6.09 -18.57
C TYR B 34 -8.81 -5.94 -19.22
N GLY B 35 -7.90 -6.83 -18.87
CA GLY B 35 -6.57 -6.79 -19.44
C GLY B 35 -5.69 -5.71 -18.85
N ILE B 36 -5.94 -5.32 -17.61
CA ILE B 36 -5.11 -4.31 -17.00
C ILE B 36 -4.34 -4.84 -15.80
N SER B 37 -3.22 -4.20 -15.50
CA SER B 37 -2.39 -4.56 -14.35
C SER B 37 -2.90 -3.87 -13.07
N ALA B 38 -2.28 -4.20 -11.94
CA ALA B 38 -2.66 -3.59 -10.67
C ALA B 38 -2.36 -2.10 -10.67
N GLU B 39 -1.26 -1.69 -11.29
CA GLU B 39 -0.92 -0.26 -11.34
C GLU B 39 -1.92 0.53 -12.17
N GLN B 40 -2.42 -0.06 -13.24
CA GLN B 40 -3.39 0.66 -14.05
C GLN B 40 -4.70 0.70 -13.28
N SER B 41 -4.98 -0.37 -12.54
CA SER B 41 -6.20 -0.44 -11.74
C SER B 41 -6.16 0.68 -10.70
N HIS B 42 -5.01 0.81 -10.07
CA HIS B 42 -4.75 1.83 -9.07
C HIS B 42 -4.90 3.25 -9.61
N VAL B 43 -4.57 3.46 -10.88
CA VAL B 43 -4.71 4.78 -11.48
C VAL B 43 -6.21 5.00 -11.73
N LEU B 44 -6.88 3.94 -12.16
CA LEU B 44 -8.31 3.99 -12.41
C LEU B 44 -9.00 4.37 -11.11
N ASN B 45 -8.50 3.81 -10.01
CA ASN B 45 -9.01 4.08 -8.69
C ASN B 45 -8.81 5.55 -8.32
N MET B 46 -7.66 6.12 -8.64
CA MET B 46 -7.43 7.52 -8.31
C MET B 46 -8.37 8.43 -9.10
N LEU B 47 -8.62 8.07 -10.36
CA LEU B 47 -9.46 8.89 -11.22
C LEU B 47 -10.95 8.83 -10.89
N SER B 48 -11.40 7.83 -10.14
CA SER B 48 -12.81 7.76 -9.81
C SER B 48 -13.19 8.80 -8.74
N ILE B 49 -12.19 9.38 -8.07
CA ILE B 49 -12.47 10.40 -7.08
C ILE B 49 -12.62 11.72 -7.83
N GLU B 50 -11.85 11.87 -8.89
CA GLU B 50 -11.91 13.08 -9.70
C GLU B 50 -10.90 13.00 -10.84
N ALA B 51 -11.14 13.79 -11.89
CA ALA B 51 -10.27 13.81 -13.06
C ALA B 51 -8.94 14.44 -12.67
N LEU B 52 -7.86 13.90 -13.23
CA LEU B 52 -6.53 14.39 -12.92
C LEU B 52 -5.61 14.46 -14.14
N THR B 53 -4.53 15.22 -14.01
CA THR B 53 -3.55 15.32 -15.08
C THR B 53 -2.50 14.27 -14.75
N VAL B 54 -1.61 13.99 -15.69
CA VAL B 54 -0.57 13.01 -15.44
C VAL B 54 0.28 13.53 -14.31
N GLY B 55 0.38 14.85 -14.20
CA GLY B 55 1.20 15.45 -13.15
C GLY B 55 0.69 15.22 -11.75
N GLN B 56 -0.61 15.32 -11.55
CA GLN B 56 -1.15 15.11 -10.22
C GLN B 56 -1.03 13.63 -9.82
N ILE B 57 -1.24 12.73 -10.78
CA ILE B 57 -1.16 11.30 -10.51
C ILE B 57 0.28 10.96 -10.15
N THR B 58 1.21 11.63 -10.81
CA THR B 58 2.61 11.39 -10.54
C THR B 58 2.84 11.75 -9.08
N GLU B 59 2.44 12.97 -8.71
CA GLU B 59 2.59 13.44 -7.34
C GLU B 59 2.03 12.46 -6.33
N LYS B 60 0.82 11.98 -6.58
CA LYS B 60 0.13 11.02 -5.72
C LYS B 60 0.79 9.65 -5.59
N GLN B 61 1.34 9.16 -6.69
CA GLN B 61 1.98 7.86 -6.72
C GLN B 61 3.45 7.94 -6.33
N GLY B 62 4.01 9.14 -6.50
CA GLY B 62 5.41 9.34 -6.16
C GLY B 62 6.43 8.88 -7.17
N VAL B 63 5.99 8.15 -8.19
CA VAL B 63 6.89 7.66 -9.22
C VAL B 63 7.20 8.65 -10.34
N ASN B 64 8.16 8.21 -11.15
CA ASN B 64 8.63 8.92 -12.32
C ASN B 64 7.41 9.23 -13.19
N LYS B 65 7.35 10.48 -13.69
CA LYS B 65 6.24 10.93 -14.51
C LYS B 65 5.98 10.08 -15.74
N ALA B 66 7.03 9.44 -16.27
CA ALA B 66 6.91 8.60 -17.46
C ALA B 66 6.33 7.22 -17.15
N ALA B 67 6.47 6.77 -15.91
CA ALA B 67 5.90 5.47 -15.55
C ALA B 67 4.39 5.65 -15.47
N VAL B 68 3.96 6.89 -15.20
CA VAL B 68 2.55 7.20 -15.09
C VAL B 68 1.97 7.38 -16.49
N SER B 69 2.70 8.10 -17.32
CA SER B 69 2.27 8.33 -18.70
C SER B 69 2.12 6.99 -19.41
N ARG B 70 2.98 6.04 -19.05
CA ARG B 70 2.95 4.71 -19.63
C ARG B 70 1.61 4.02 -19.29
N ARG B 71 1.23 4.05 -18.03
CA ARG B 71 -0.03 3.47 -17.59
C ARG B 71 -1.22 4.14 -18.24
N VAL B 72 -1.18 5.48 -18.31
CA VAL B 72 -2.25 6.28 -18.90
C VAL B 72 -2.38 6.00 -20.38
N LYS B 73 -1.25 5.85 -21.07
CA LYS B 73 -1.29 5.57 -22.48
C LYS B 73 -1.94 4.20 -22.70
N LYS B 74 -1.58 3.21 -21.90
CA LYS B 74 -2.18 1.90 -22.06
C LYS B 74 -3.67 2.00 -21.74
N LEU B 75 -4.04 2.86 -20.80
CA LEU B 75 -5.43 3.00 -20.43
C LEU B 75 -6.30 3.64 -21.51
N LEU B 76 -5.68 4.49 -22.32
CA LEU B 76 -6.36 5.18 -23.41
C LEU B 76 -6.52 4.19 -24.57
N ASN B 77 -5.47 3.43 -24.82
CA ASN B 77 -5.53 2.44 -25.89
C ASN B 77 -6.61 1.43 -25.55
N ALA B 78 -6.82 1.20 -24.25
CA ALA B 78 -7.82 0.27 -23.79
C ALA B 78 -9.14 1.00 -23.59
N GLU B 79 -9.14 2.30 -23.86
CA GLU B 79 -10.33 3.12 -23.74
C GLU B 79 -11.02 3.14 -22.38
N LEU B 80 -10.23 2.93 -21.32
CA LEU B 80 -10.77 2.96 -19.96
C LEU B 80 -10.62 4.38 -19.42
N VAL B 81 -10.07 5.25 -20.26
CA VAL B 81 -9.82 6.61 -19.87
C VAL B 81 -9.89 7.54 -21.10
N LYS B 82 -10.37 8.76 -20.93
CA LYS B 82 -10.44 9.74 -22.01
C LYS B 82 -9.74 11.04 -21.62
N LEU B 83 -9.30 11.80 -22.63
CA LEU B 83 -8.57 13.05 -22.41
C LEU B 83 -9.35 14.34 -22.45
N GLU B 84 -8.74 15.36 -21.86
CA GLU B 84 -9.25 16.72 -21.79
C GLU B 84 -10.72 16.82 -21.40
N LYS B 95 -3.38 18.51 -20.08
CA LYS B 95 -4.21 17.34 -20.47
C LYS B 95 -4.89 16.71 -19.24
N ILE B 96 -6.20 16.91 -19.11
CA ILE B 96 -6.96 16.36 -17.99
C ILE B 96 -7.50 14.97 -18.26
N ILE B 97 -7.07 14.00 -17.46
CA ILE B 97 -7.51 12.62 -17.63
C ILE B 97 -8.76 12.30 -16.81
N LYS B 98 -9.71 11.58 -17.40
CA LYS B 98 -10.90 11.18 -16.68
C LYS B 98 -11.41 9.84 -17.15
N LEU B 99 -12.07 9.11 -16.28
CA LEU B 99 -12.59 7.80 -16.64
C LEU B 99 -13.54 7.90 -17.82
N SER B 100 -13.58 6.85 -18.64
CA SER B 100 -14.47 6.82 -19.78
C SER B 100 -15.66 6.01 -19.28
N ASN B 101 -16.58 5.62 -20.15
CA ASN B 101 -17.71 4.81 -19.72
C ASN B 101 -17.24 3.42 -19.32
N LYS B 102 -16.22 2.93 -20.01
CA LYS B 102 -15.64 1.62 -19.74
C LYS B 102 -14.91 1.65 -18.41
N GLY B 103 -14.23 2.77 -18.15
CA GLY B 103 -13.51 2.92 -16.91
C GLY B 103 -14.50 2.99 -15.77
N LYS B 104 -15.64 3.61 -16.03
CA LYS B 104 -16.70 3.74 -15.03
C LYS B 104 -17.27 2.37 -14.68
N LYS B 105 -17.55 1.54 -15.68
CA LYS B 105 -18.08 0.21 -15.43
C LYS B 105 -17.08 -0.56 -14.56
N TYR B 106 -15.80 -0.50 -14.94
CA TYR B 106 -14.74 -1.17 -14.18
C TYR B 106 -14.81 -0.77 -12.70
N ILE B 107 -14.76 0.53 -12.42
CA ILE B 107 -14.80 1.01 -11.05
C ILE B 107 -16.05 0.59 -10.27
N LYS B 108 -17.21 0.51 -10.92
CA LYS B 108 -18.43 0.08 -10.25
C LYS B 108 -18.31 -1.38 -9.80
N GLU B 109 -17.67 -2.20 -10.61
CA GLU B 109 -17.49 -3.60 -10.27
C GLU B 109 -16.44 -3.69 -9.17
N ARG B 110 -15.39 -2.87 -9.27
CA ARG B 110 -14.33 -2.85 -8.26
C ARG B 110 -14.95 -2.44 -6.91
N LYS B 111 -15.78 -1.39 -6.92
CA LYS B 111 -16.45 -0.95 -5.71
C LYS B 111 -17.41 -2.01 -5.19
N ALA B 112 -18.26 -2.55 -6.05
CA ALA B 112 -19.19 -3.57 -5.63
C ALA B 112 -18.42 -4.64 -4.85
N ILE B 113 -17.31 -5.12 -5.42
CA ILE B 113 -16.49 -6.14 -4.77
C ILE B 113 -15.94 -5.69 -3.42
N MET B 114 -15.12 -4.63 -3.43
CA MET B 114 -14.51 -4.08 -2.22
C MET B 114 -15.52 -3.73 -1.13
N SER B 115 -16.67 -3.18 -1.52
CA SER B 115 -17.69 -2.79 -0.56
C SER B 115 -18.32 -4.01 0.13
N HIS B 116 -18.65 -5.03 -0.66
CA HIS B 116 -19.25 -6.24 -0.12
C HIS B 116 -18.45 -6.72 1.10
N ILE B 117 -17.18 -7.05 0.87
CA ILE B 117 -16.29 -7.54 1.91
C ILE B 117 -16.09 -6.59 3.09
N ALA B 118 -15.83 -5.33 2.81
CA ALA B 118 -15.61 -4.35 3.86
C ALA B 118 -16.79 -4.17 4.80
N SER B 119 -17.98 -4.08 4.25
CA SER B 119 -19.18 -3.87 5.06
C SER B 119 -19.52 -5.05 5.96
N ASP B 120 -19.18 -6.27 5.52
CA ASP B 120 -19.41 -7.47 6.31
C ASP B 120 -18.39 -7.47 7.44
N MET B 121 -17.18 -7.10 7.07
CA MET B 121 -16.06 -7.04 7.99
C MET B 121 -16.12 -5.93 9.04
N THR B 122 -16.99 -4.93 8.85
CA THR B 122 -17.10 -3.83 9.81
C THR B 122 -18.53 -3.59 10.31
N SER B 123 -19.43 -4.53 10.04
CA SER B 123 -20.85 -4.43 10.41
C SER B 123 -21.15 -4.25 11.90
N ASP B 124 -20.15 -4.48 12.73
CA ASP B 124 -20.33 -4.37 14.17
C ASP B 124 -19.64 -3.16 14.76
N PHE B 125 -18.98 -2.39 13.92
CA PHE B 125 -18.28 -1.19 14.36
C PHE B 125 -19.25 -0.12 14.84
N ASP B 126 -18.88 0.56 15.91
CA ASP B 126 -19.69 1.64 16.49
C ASP B 126 -19.32 2.88 15.67
N SER B 127 -20.22 3.40 14.85
CA SER B 127 -19.83 4.54 14.05
C SER B 127 -19.49 5.82 14.84
N LYS B 128 -19.75 5.84 16.14
CA LYS B 128 -19.43 6.99 16.95
C LYS B 128 -17.97 6.90 17.34
N GLU B 129 -17.52 5.68 17.63
CA GLU B 129 -16.14 5.43 18.00
C GLU B 129 -15.27 5.57 16.77
N ILE B 130 -15.75 5.03 15.65
CA ILE B 130 -15.01 5.05 14.42
C ILE B 130 -14.71 6.43 13.82
N GLU B 131 -15.64 7.38 13.94
CA GLU B 131 -15.36 8.68 13.36
C GLU B 131 -14.21 9.39 14.04
N LYS B 132 -13.92 9.05 15.29
CA LYS B 132 -12.78 9.67 15.98
C LYS B 132 -11.49 9.11 15.38
N VAL B 133 -11.55 7.85 14.98
CA VAL B 133 -10.41 7.18 14.36
C VAL B 133 -10.18 7.77 12.97
N ARG B 134 -11.26 7.96 12.23
CA ARG B 134 -11.17 8.53 10.90
C ARG B 134 -10.49 9.90 11.01
N GLN B 135 -10.93 10.71 11.97
CA GLN B 135 -10.35 12.02 12.22
C GLN B 135 -8.85 12.00 12.46
N VAL B 136 -8.38 11.07 13.27
CA VAL B 136 -6.97 10.98 13.54
C VAL B 136 -6.21 10.59 12.27
N LEU B 137 -6.85 9.80 11.43
CA LEU B 137 -6.21 9.34 10.21
C LEU B 137 -6.21 10.42 9.10
N GLU B 138 -7.21 11.31 9.15
CA GLU B 138 -7.28 12.37 8.19
C GLU B 138 -6.18 13.39 8.52
N ILE B 139 -5.96 13.65 9.80
CA ILE B 139 -4.91 14.57 10.21
C ILE B 139 -3.54 13.97 9.86
N ILE B 140 -3.38 12.66 10.06
CA ILE B 140 -2.14 12.02 9.72
C ILE B 140 -1.89 12.04 8.22
N ASP B 141 -2.91 11.78 7.42
CA ASP B 141 -2.83 11.82 5.96
C ASP B 141 -2.45 13.23 5.53
N TYR B 142 -3.08 14.23 6.15
CA TYR B 142 -2.80 15.62 5.87
C TYR B 142 -1.31 15.87 6.03
N ARG B 143 -0.78 15.46 7.18
CA ARG B 143 0.64 15.62 7.49
C ARG B 143 1.53 14.83 6.55
N ILE B 144 1.10 13.65 6.14
CA ILE B 144 1.89 12.83 5.23
C ILE B 144 2.07 13.62 3.94
N GLN B 145 0.95 14.05 3.36
CA GLN B 145 0.97 14.82 2.13
C GLN B 145 1.83 16.07 2.22
N SER B 146 1.91 16.68 3.41
CA SER B 146 2.72 17.87 3.55
C SER B 146 4.23 17.57 3.54
N TYR B 147 4.67 16.53 4.24
CA TYR B 147 6.10 16.19 4.20
C TYR B 147 6.43 15.87 2.74
N THR B 148 5.53 15.12 2.11
CA THR B 148 5.68 14.74 0.71
C THR B 148 5.82 16.01 -0.13
N SER B 149 4.93 16.96 0.14
CA SER B 149 4.91 18.24 -0.54
C SER B 149 6.31 18.83 -0.61
N LYS B 150 7.02 18.78 0.51
CA LYS B 150 8.37 19.35 0.62
C LYS B 150 9.51 18.38 0.28
N LEU B 151 10.73 18.75 0.69
CA LEU B 151 11.93 17.94 0.45
C LEU B 151 11.89 16.60 1.21
C1' SAL C . -12.82 5.25 8.42
O1' SAL C . -13.09 5.55 7.28
O2' SAL C . -13.52 5.77 9.41
C1 SAL C . -11.73 4.32 8.72
C2 SAL C . -10.97 3.75 7.66
C3 SAL C . -9.92 2.85 7.95
C4 SAL C . -9.64 2.51 9.28
C5 SAL C . -10.40 3.08 10.34
C6 SAL C . -11.44 3.98 10.07
O2 SAL C . -11.26 4.10 6.38
C1' SAL D . 9.91 -0.23 1.57
O1' SAL D . 10.90 0.14 0.89
O2' SAL D . 10.02 -1.13 2.62
C1 SAL D . 8.57 0.31 1.25
C2 SAL D . 8.41 1.21 0.18
C3 SAL D . 7.14 1.74 -0.11
C4 SAL D . 6.04 1.37 0.67
C5 SAL D . 6.17 0.47 1.72
C6 SAL D . 7.43 -0.06 2.02
O2 SAL D . 9.50 1.56 -0.57
AS CAC E . 1.66 -1.90 -16.86
O1 CAC E . 2.74 -0.76 -18.10
O2 CAC E . 0.49 -0.68 -16.31
C1 CAC E . 0.85 -3.60 -17.90
C2 CAC E . 2.76 -2.67 -15.23
C1' SAL F . -5.33 9.23 -4.31
O1' SAL F . -6.16 10.12 -4.50
O2' SAL F . -3.97 9.50 -4.29
C1 SAL F . -5.82 7.89 -4.09
C2 SAL F . -7.25 7.65 -4.11
C3 SAL F . -7.73 6.33 -3.87
C4 SAL F . -6.79 5.28 -3.64
C5 SAL F . -5.38 5.55 -3.65
C6 SAL F . -4.91 6.84 -3.87
O2 SAL F . -8.13 8.71 -4.32
C1' SAL G . -0.23 2.68 15.68
O1' SAL G . -0.21 3.35 16.77
O2' SAL G . 0.28 1.41 15.56
C1 SAL G . -0.80 3.26 14.46
C2 SAL G . -1.33 4.53 14.49
C3 SAL G . -1.89 5.13 13.29
C4 SAL G . -1.86 4.41 12.07
C5 SAL G . -1.31 3.08 12.08
C6 SAL G . -0.77 2.51 13.28
O2 SAL G . -1.32 5.17 15.71
C1' SAL H . -15.79 0.01 17.86
O1' SAL H . -16.05 0.69 18.88
O2' SAL H . -16.73 -0.08 16.87
C1 SAL H . -14.49 -0.70 17.71
C2 SAL H . -13.53 -0.60 18.77
C3 SAL H . -12.27 -1.33 18.68
C4 SAL H . -12.03 -2.17 17.51
C5 SAL H . -13.01 -2.25 16.45
C6 SAL H . -14.24 -1.53 16.54
O2 SAL H . -13.84 0.24 19.86
C1' SAL I . 4.54 -9.04 6.35
O1' SAL I . 4.35 -9.33 5.11
O2' SAL I . 4.21 -9.92 7.45
C1 SAL I . 5.10 -7.69 6.65
C2 SAL I . 5.47 -6.80 5.57
C3 SAL I . 5.98 -5.51 5.91
C4 SAL I . 6.20 -5.13 7.29
C5 SAL I . 5.87 -6.03 8.35
C6 SAL I . 5.34 -7.31 8.03
O2 SAL I . 5.27 -7.15 4.22
C1' SAL J . -5.92 -1.68 -7.07
O1' SAL J . -6.21 -2.23 -8.12
O2' SAL J . -6.39 -0.40 -6.75
C1 SAL J . -5.06 -2.43 -6.15
C2 SAL J . -4.59 -3.73 -6.55
C3 SAL J . -3.77 -4.48 -5.67
C4 SAL J . -3.41 -3.93 -4.37
C5 SAL J . -3.89 -2.62 -3.99
C6 SAL J . -4.70 -1.88 -4.87
O2 SAL J . -4.95 -4.22 -7.81
C1' SAL K . 4.15 2.27 -10.53
O1' SAL K . 4.40 1.32 -9.68
O2' SAL K . 5.17 2.78 -11.38
C1 SAL K . 2.74 2.83 -10.70
C2 SAL K . 1.70 2.32 -9.86
C3 SAL K . 0.37 2.81 -9.95
C4 SAL K . 0.10 3.85 -10.85
C5 SAL K . 1.12 4.39 -11.70
C6 SAL K . 2.45 3.89 -11.62
O2 SAL K . 2.00 1.30 -9.00
#